data_1LWV
#
_entry.id   1LWV
#
_cell.length_a   91.995
_cell.length_b   91.995
_cell.length_c   211.427
_cell.angle_alpha   90
_cell.angle_beta   90
_cell.angle_gamma   120
#
_symmetry.space_group_name_H-M   'P 65 2 2'
#
loop_
_entity.id
_entity.type
_entity.pdbx_description
1 polymer "5'-D(*GP*GP*TP*AP*GP*AP*CP*CP*TP*GP*GP*AP*CP*GP*C)-3'"
2 polymer "5'-D(*GP*CP*GP*TP*CP*CP*AP*(PED)P*GP*TP*CP*TP*AP*CP*C)-3'"
3 polymer '8-OXOGUANINE DNA GLYCOSYLASE'
4 non-polymer 'CALCIUM ION'
5 non-polymer 8-AMINOGUANINE
6 water water
#
loop_
_entity_poly.entity_id
_entity_poly.type
_entity_poly.pdbx_seq_one_letter_code
_entity_poly.pdbx_strand_id
1 'polydeoxyribonucleotide' (DG)(DG)(DT)(DA)(DG)(DA)(DC)(DC)(DT)(DG)(DG)(DA)(DC)(DG)(DC) D
2 'polydeoxyribonucleotide' (DG)(DC)(DG)(DT)(DC)(DC)(DA)(PED)(DG)(DT)(DC)(DT)(DA)(DC)(DC) E
3 'polypeptide(L)'
;AMADIGSEGHRTLASTPALWASIPCPRSELRLDLVLPSGQSFRWREQSPAHWSGVLADQVWTLTQTEEQLHCTVYRGDKS
QASRPTPDELEAVRKYFQLDVTLAQLYHHWGSVDSHFQEVAQKFQGVRLLRQDPIECLFSFICSSNNNIARITGMVERLC
QAFGPRLIQLDDVTYHGFPSLQALAGPEVEAHLRKLGLGYRARYVSASARAILEEQGGLAWLQQLRESSYEEAHKALCIL
PGVGTKVADCICLMALDKPQAVPVDVHMWHIAQRDYSWHPTTSQAKGPSPQTNKELGNFFRSLWGPYAGWAQAVLFSADL
RQSR
;
A
#
loop_
_chem_comp.id
_chem_comp.type
_chem_comp.name
_chem_comp.formula
ANG non-polymer 8-AMINOGUANINE 'C5 H6 N6 O'
CA non-polymer 'CALCIUM ION' 'Ca 2'
DA DNA linking 2'-DEOXYADENOSINE-5'-MONOPHOSPHATE 'C10 H14 N5 O6 P'
DC DNA linking 2'-DEOXYCYTIDINE-5'-MONOPHOSPHATE 'C9 H14 N3 O7 P'
DG DNA linking 2'-DEOXYGUANOSINE-5'-MONOPHOSPHATE 'C10 H14 N5 O7 P'
DT DNA linking THYMIDINE-5'-MONOPHOSPHATE 'C10 H15 N2 O8 P'
PED non-polymer PENTANE-3,4-DIOL-5-PHOSPHATE 'C5 H13 O6 P'
#
# COMPACT_ATOMS: atom_id res chain seq x y z
P PED B 8 -5.12 -12.58 2.22
O1P PED B 8 -3.72 -12.18 1.99
O2P PED B 8 -5.54 -13.05 3.56
O5' PED B 8 -6.09 -11.39 1.84
C2' PED B 8 -6.59 -9.31 -1.89
C5' PED B 8 -6.02 -10.78 0.54
C4' PED B 8 -7.40 -10.39 0.10
O4' PED B 8 -7.68 -9.04 0.54
C3' PED B 8 -7.60 -10.36 -1.42
C1' PED B 8 -7.45 -8.28 -2.59
O3' PED B 8 -8.94 -10.01 -1.73
N GLY C 6 30.92 -4.90 8.62
CA GLY C 6 30.11 -3.78 9.18
C GLY C 6 29.70 -2.76 8.13
N SER C 7 30.59 -2.53 7.17
CA SER C 7 30.32 -1.58 6.10
C SER C 7 29.45 -2.17 4.99
N GLU C 8 29.38 -3.50 4.95
CA GLU C 8 28.59 -4.19 3.93
C GLU C 8 27.29 -4.65 4.52
N GLY C 9 26.39 -5.14 3.66
CA GLY C 9 25.10 -5.65 4.12
C GLY C 9 24.07 -4.65 4.60
N HIS C 10 22.91 -5.16 5.00
CA HIS C 10 21.86 -4.29 5.50
C HIS C 10 22.30 -3.67 6.83
N ARG C 11 22.20 -2.34 6.92
CA ARG C 11 22.60 -1.64 8.14
C ARG C 11 21.68 -1.94 9.31
N THR C 12 22.14 -1.56 10.49
CA THR C 12 21.36 -1.75 11.70
C THR C 12 21.60 -0.52 12.54
N LEU C 13 20.63 -0.14 13.37
CA LEU C 13 20.78 1.06 14.18
C LEU C 13 21.98 0.96 15.13
N ALA C 14 22.24 -0.25 15.61
CA ALA C 14 23.33 -0.50 16.53
C ALA C 14 24.71 -0.55 15.86
N SER C 15 24.79 -1.22 14.71
CA SER C 15 26.06 -1.37 13.99
C SER C 15 26.61 -0.15 13.27
N THR C 16 25.75 0.77 12.83
CA THR C 16 26.23 1.94 12.13
C THR C 16 25.57 3.24 12.57
N PRO C 17 25.61 3.53 13.88
CA PRO C 17 25.04 4.70 14.53
C PRO C 17 25.13 6.02 13.76
N ALA C 18 26.33 6.37 13.32
CA ALA C 18 26.54 7.60 12.57
C ALA C 18 25.71 7.61 11.30
N LEU C 19 25.25 6.43 10.88
CA LEU C 19 24.46 6.34 9.67
C LEU C 19 22.96 6.18 9.89
N TRP C 20 22.37 7.00 10.77
CA TRP C 20 20.93 6.99 11.02
C TRP C 20 20.42 8.35 11.51
N ALA C 21 19.35 8.82 10.90
CA ALA C 21 18.75 10.08 11.30
C ALA C 21 17.36 9.75 11.84
N SER C 22 16.91 10.48 12.85
CA SER C 22 15.61 10.21 13.42
C SER C 22 14.53 11.20 13.01
N ILE C 23 13.29 10.80 13.24
CA ILE C 23 12.12 11.61 12.93
C ILE C 23 11.19 11.39 14.13
N PRO C 24 10.72 12.49 14.75
CA PRO C 24 9.83 12.31 15.90
C PRO C 24 8.59 11.56 15.49
N CYS C 25 8.37 10.40 16.11
CA CYS C 25 7.21 9.60 15.77
C CYS C 25 6.96 8.51 16.81
N PRO C 26 5.93 8.70 17.65
CA PRO C 26 5.60 7.71 18.69
C PRO C 26 4.91 6.47 18.14
N ARG C 27 5.07 5.35 18.82
CA ARG C 27 4.45 4.10 18.38
C ARG C 27 2.97 4.35 18.16
N SER C 28 2.39 5.30 18.90
CA SER C 28 0.98 5.58 18.76
C SER C 28 0.64 6.15 17.38
N GLU C 29 1.63 6.75 16.72
CA GLU C 29 1.41 7.31 15.39
C GLU C 29 1.78 6.37 14.26
N LEU C 30 2.64 5.39 14.55
CA LEU C 30 3.06 4.45 13.52
C LEU C 30 3.72 3.22 14.09
N ARG C 31 3.34 2.07 13.53
CA ARG C 31 3.87 0.77 13.90
C ARG C 31 4.28 0.09 12.62
N LEU C 32 5.55 0.20 12.29
CA LEU C 32 6.10 -0.37 11.07
C LEU C 32 5.69 -1.81 10.84
N ASP C 33 5.77 -2.60 11.92
CA ASP C 33 5.45 -4.01 11.87
C ASP C 33 3.98 -4.28 11.58
N LEU C 34 3.15 -3.26 11.71
CA LEU C 34 1.73 -3.47 11.45
C LEU C 34 1.35 -2.86 10.11
N VAL C 35 2.14 -1.91 9.64
CA VAL C 35 1.85 -1.25 8.38
C VAL C 35 2.52 -1.86 7.14
N LEU C 36 3.83 -2.04 7.20
CA LEU C 36 4.57 -2.53 6.05
C LEU C 36 4.27 -3.93 5.50
N PRO C 37 3.92 -4.92 6.36
CA PRO C 37 3.63 -6.25 5.81
C PRO C 37 2.13 -6.52 5.67
N SER C 38 1.34 -5.49 5.92
CA SER C 38 -0.13 -5.62 5.88
C SER C 38 -0.87 -5.50 4.55
N GLY C 39 -0.17 -5.60 3.43
CA GLY C 39 -0.86 -5.52 2.16
C GLY C 39 -1.18 -4.16 1.57
N GLN C 40 -0.44 -3.12 1.96
CA GLN C 40 -0.63 -1.79 1.36
C GLN C 40 0.45 -1.74 0.28
N SER C 41 1.71 -1.81 0.71
CA SER C 41 2.86 -1.86 -0.16
C SER C 41 3.43 -3.27 -0.01
N PHE C 42 3.91 -3.84 -1.10
CA PHE C 42 4.46 -5.19 -1.02
C PHE C 42 5.98 -5.22 -1.07
N ARG C 43 6.62 -4.06 -1.04
CA ARG C 43 8.07 -4.06 -1.17
C ARG C 43 8.95 -3.79 0.05
N TRP C 44 8.44 -4.09 1.24
CA TRP C 44 9.23 -3.92 2.46
C TRP C 44 9.51 -5.27 3.11
N ARG C 45 10.77 -5.51 3.43
CA ARG C 45 11.17 -6.76 4.07
C ARG C 45 11.91 -6.46 5.35
N GLU C 46 11.62 -7.25 6.39
CA GLU C 46 12.28 -7.08 7.67
C GLU C 46 13.58 -7.87 7.60
N GLN C 47 14.58 -7.28 6.95
CA GLN C 47 15.87 -7.94 6.79
C GLN C 47 16.54 -8.31 8.09
N SER C 48 16.47 -7.41 9.07
CA SER C 48 17.02 -7.67 10.40
C SER C 48 15.82 -7.50 11.32
N PRO C 49 15.85 -8.13 12.49
CA PRO C 49 14.70 -7.96 13.37
C PRO C 49 14.36 -6.49 13.63
N ALA C 50 13.08 -6.16 13.45
CA ALA C 50 12.57 -4.80 13.64
C ALA C 50 13.23 -3.75 12.73
N HIS C 51 13.86 -4.21 11.65
CA HIS C 51 14.50 -3.32 10.68
C HIS C 51 13.90 -3.65 9.32
N TRP C 52 13.23 -2.67 8.71
CA TRP C 52 12.57 -2.88 7.43
C TRP C 52 13.28 -2.16 6.28
N SER C 53 13.53 -2.90 5.20
CA SER C 53 14.21 -2.35 4.03
C SER C 53 13.32 -2.40 2.79
N GLY C 54 13.44 -1.35 1.97
CA GLY C 54 12.66 -1.26 0.75
C GLY C 54 12.98 -0.01 -0.03
N VAL C 55 12.31 0.17 -1.16
CA VAL C 55 12.56 1.34 -1.98
C VAL C 55 11.57 2.45 -1.69
N LEU C 56 12.11 3.63 -1.41
CA LEU C 56 11.26 4.77 -1.10
C LEU C 56 11.79 5.98 -1.84
N ALA C 57 11.00 6.44 -2.81
CA ALA C 57 11.37 7.60 -3.60
C ALA C 57 12.67 7.32 -4.38
N ASP C 58 12.67 6.22 -5.13
CA ASP C 58 13.82 5.85 -5.96
C ASP C 58 15.14 5.59 -5.22
N GLN C 59 15.06 5.33 -3.93
CA GLN C 59 16.26 5.02 -3.15
C GLN C 59 15.93 3.93 -2.15
N VAL C 60 16.95 3.19 -1.75
CA VAL C 60 16.75 2.11 -0.79
C VAL C 60 16.94 2.64 0.61
N TRP C 61 16.04 2.25 1.51
CA TRP C 61 16.08 2.67 2.89
C TRP C 61 15.90 1.49 3.83
N THR C 62 16.33 1.68 5.07
CA THR C 62 16.10 0.70 6.11
C THR C 62 15.47 1.56 7.19
N LEU C 63 14.45 1.02 7.87
CA LEU C 63 13.79 1.80 8.90
C LEU C 63 13.55 0.94 10.13
N THR C 64 13.64 1.57 11.29
CA THR C 64 13.43 0.87 12.54
C THR C 64 12.97 1.95 13.51
N GLN C 65 12.27 1.55 14.57
CA GLN C 65 11.77 2.57 15.47
C GLN C 65 11.95 2.25 16.94
N THR C 66 12.10 3.32 17.72
CA THR C 66 12.22 3.20 19.18
C THR C 66 10.84 3.61 19.67
N GLU C 67 10.71 3.88 20.97
CA GLU C 67 9.43 4.25 21.55
C GLU C 67 8.89 5.57 21.03
N GLU C 68 9.77 6.53 20.80
CA GLU C 68 9.34 7.83 20.34
C GLU C 68 10.00 8.29 19.06
N GLN C 69 10.86 7.45 18.48
CA GLN C 69 11.57 7.82 17.26
C GLN C 69 11.52 6.83 16.10
N LEU C 70 11.51 7.38 14.89
CA LEU C 70 11.53 6.58 13.68
C LEU C 70 12.93 6.79 13.11
N HIS C 71 13.75 5.75 13.19
CA HIS C 71 15.12 5.81 12.70
C HIS C 71 15.20 5.45 11.23
N CYS C 72 15.78 6.36 10.46
CA CYS C 72 15.91 6.21 9.02
C CYS C 72 17.34 6.27 8.52
N THR C 73 17.64 5.38 7.57
CA THR C 73 18.97 5.32 6.99
C THR C 73 18.80 5.05 5.48
N VAL C 74 19.55 5.78 4.65
CA VAL C 74 19.44 5.63 3.20
C VAL C 74 20.72 5.29 2.46
N TYR C 75 20.60 4.38 1.48
CA TYR C 75 21.72 3.94 0.66
C TYR C 75 21.62 4.56 -0.73
N ARG C 76 22.56 5.45 -1.05
CA ARG C 76 22.55 6.13 -2.35
C ARG C 76 23.45 5.46 -3.39
N SER C 80 27.92 9.83 -2.85
CA SER C 80 28.32 8.44 -2.96
C SER C 80 28.91 7.96 -1.64
N GLN C 81 29.57 8.88 -0.93
CA GLN C 81 30.18 8.55 0.34
C GLN C 81 29.04 8.41 1.35
N ALA C 82 28.94 7.23 1.96
CA ALA C 82 27.90 6.94 2.95
C ALA C 82 27.79 8.07 3.98
N SER C 83 26.66 8.78 3.94
CA SER C 83 26.41 9.88 4.86
C SER C 83 25.06 9.66 5.52
N ARG C 84 24.54 10.72 6.14
CA ARG C 84 23.25 10.63 6.79
C ARG C 84 22.13 11.17 5.94
N PRO C 85 20.90 10.70 6.18
CA PRO C 85 19.80 11.22 5.37
C PRO C 85 19.80 12.72 5.58
N THR C 86 19.54 13.46 4.52
CA THR C 86 19.50 14.91 4.61
C THR C 86 18.07 15.28 5.03
N PRO C 87 17.88 16.54 5.46
CA PRO C 87 16.54 16.97 5.88
C PRO C 87 15.50 16.80 4.76
N ASP C 88 15.91 17.00 3.51
CA ASP C 88 14.98 16.84 2.39
C ASP C 88 14.62 15.35 2.22
N GLU C 89 15.60 14.48 2.39
CA GLU C 89 15.37 13.03 2.24
C GLU C 89 14.44 12.52 3.32
N LEU C 90 14.64 13.00 4.54
CA LEU C 90 13.78 12.61 5.65
C LEU C 90 12.38 13.06 5.34
N GLU C 91 12.28 14.19 4.64
CA GLU C 91 10.98 14.73 4.28
C GLU C 91 10.26 13.80 3.32
N ALA C 92 11.02 13.04 2.53
CA ALA C 92 10.42 12.10 1.59
C ALA C 92 9.72 11.02 2.39
N VAL C 93 10.35 10.61 3.49
CA VAL C 93 9.78 9.59 4.36
C VAL C 93 8.54 10.10 5.07
N ARG C 94 8.58 11.32 5.58
CA ARG C 94 7.41 11.88 6.27
C ARG C 94 6.23 11.89 5.32
N LYS C 95 6.49 12.19 4.04
CA LYS C 95 5.44 12.23 3.06
C LYS C 95 4.92 10.82 2.77
N TYR C 96 5.83 9.84 2.72
CA TYR C 96 5.44 8.46 2.44
C TYR C 96 4.47 7.97 3.51
N PHE C 97 4.75 8.31 4.75
CA PHE C 97 3.91 7.90 5.87
C PHE C 97 2.83 8.92 6.23
N GLN C 98 2.74 10.01 5.46
CA GLN C 98 1.76 11.06 5.69
C GLN C 98 1.69 11.40 7.17
N LEU C 99 2.83 11.75 7.74
CA LEU C 99 2.90 12.06 9.16
C LEU C 99 2.19 13.33 9.61
N ASP C 100 1.74 14.17 8.68
CA ASP C 100 1.03 15.38 9.08
C ASP C 100 -0.37 15.03 9.54
N VAL C 101 -0.85 13.86 9.12
CA VAL C 101 -2.17 13.38 9.52
C VAL C 101 -1.96 12.75 10.90
N THR C 102 -2.68 13.25 11.91
CA THR C 102 -2.55 12.74 13.27
C THR C 102 -3.38 11.47 13.46
N LEU C 103 -2.72 10.33 13.60
CA LEU C 103 -3.44 9.07 13.76
C LEU C 103 -4.28 9.03 15.04
N ALA C 104 -3.77 9.63 16.11
CA ALA C 104 -4.50 9.65 17.38
C ALA C 104 -5.84 10.37 17.28
N GLN C 105 -5.89 11.43 16.47
CA GLN C 105 -7.13 12.18 16.30
C GLN C 105 -8.14 11.29 15.57
N LEU C 106 -7.67 10.59 14.55
CA LEU C 106 -8.57 9.72 13.81
C LEU C 106 -9.06 8.57 14.68
N TYR C 107 -8.14 7.88 15.36
CA TYR C 107 -8.52 6.75 16.21
C TYR C 107 -9.58 7.19 17.22
N HIS C 108 -9.34 8.33 17.86
CA HIS C 108 -10.27 8.88 18.83
C HIS C 108 -11.66 8.98 18.21
N HIS C 109 -11.73 9.69 17.10
CA HIS C 109 -12.99 9.88 16.40
C HIS C 109 -13.68 8.56 16.03
N TRP C 110 -12.95 7.64 15.41
CA TRP C 110 -13.55 6.38 15.02
C TRP C 110 -13.99 5.61 16.24
N GLY C 111 -13.13 5.51 17.23
CA GLY C 111 -13.48 4.77 18.43
C GLY C 111 -14.71 5.37 19.08
N SER C 112 -14.84 6.68 18.97
CA SER C 112 -15.94 7.43 19.55
C SER C 112 -17.31 7.11 18.95
N VAL C 113 -17.35 6.82 17.64
CA VAL C 113 -18.61 6.50 16.97
C VAL C 113 -18.77 5.00 16.73
N ASP C 114 -17.72 4.23 16.96
CA ASP C 114 -17.81 2.78 16.76
C ASP C 114 -17.18 2.02 17.92
N SER C 115 -18.06 1.46 18.73
CA SER C 115 -17.69 0.70 19.92
C SER C 115 -16.71 -0.40 19.58
N HIS C 116 -17.03 -1.18 18.56
CA HIS C 116 -16.17 -2.27 18.18
C HIS C 116 -14.78 -1.77 17.80
N PHE C 117 -14.71 -0.62 17.12
CA PHE C 117 -13.42 -0.08 16.72
C PHE C 117 -12.56 0.21 17.95
N GLN C 118 -13.12 0.91 18.93
CA GLN C 118 -12.39 1.23 20.17
C GLN C 118 -11.73 -0.05 20.67
N GLU C 119 -12.57 -1.07 20.82
CA GLU C 119 -12.13 -2.36 21.31
C GLU C 119 -10.89 -2.86 20.58
N VAL C 120 -11.01 -3.04 19.27
CA VAL C 120 -9.90 -3.52 18.45
C VAL C 120 -8.71 -2.56 18.43
N ALA C 121 -8.99 -1.28 18.20
CA ALA C 121 -7.93 -0.27 18.12
C ALA C 121 -7.05 -0.10 19.37
N GLN C 122 -7.51 -0.61 20.51
CA GLN C 122 -6.73 -0.50 21.74
C GLN C 122 -5.50 -1.41 21.66
N LYS C 123 -5.59 -2.48 20.87
CA LYS C 123 -4.47 -3.41 20.72
C LYS C 123 -3.75 -3.26 19.39
N PHE C 124 -4.27 -2.42 18.51
CA PHE C 124 -3.64 -2.24 17.20
C PHE C 124 -3.45 -0.79 16.83
N GLN C 125 -2.55 -0.12 17.52
CA GLN C 125 -2.30 1.28 17.22
C GLN C 125 -1.17 1.42 16.20
N GLY C 126 -1.07 2.61 15.63
CA GLY C 126 -0.03 2.88 14.65
C GLY C 126 -0.32 2.41 13.24
N VAL C 127 -1.58 2.07 12.95
CA VAL C 127 -1.92 1.65 11.62
C VAL C 127 -2.43 2.85 10.83
N ARG C 128 -1.59 3.31 9.91
CA ARG C 128 -1.92 4.44 9.06
C ARG C 128 -1.73 4.04 7.59
N LEU C 129 -2.02 4.96 6.66
CA LEU C 129 -1.90 4.68 5.22
C LEU C 129 -0.62 5.21 4.59
N LEU C 130 -0.03 4.41 3.73
CA LEU C 130 1.17 4.84 3.02
C LEU C 130 0.67 5.68 1.83
N ARG C 131 1.44 6.70 1.45
CA ARG C 131 1.07 7.52 0.31
C ARG C 131 1.98 6.98 -0.81
N GLN C 132 1.42 6.09 -1.62
CA GLN C 132 2.17 5.43 -2.68
C GLN C 132 2.13 6.05 -4.08
N ASP C 133 3.08 5.61 -4.89
CA ASP C 133 3.20 6.03 -6.27
C ASP C 133 2.05 5.37 -7.01
N PRO C 134 1.34 6.14 -7.83
CA PRO C 134 0.20 5.65 -8.61
C PRO C 134 0.46 4.41 -9.45
N ILE C 135 1.56 4.41 -10.19
CA ILE C 135 1.89 3.27 -11.05
C ILE C 135 2.13 1.98 -10.27
N GLU C 136 3.01 2.06 -9.27
CA GLU C 136 3.32 0.88 -8.49
C GLU C 136 2.06 0.35 -7.83
N CYS C 137 1.30 1.24 -7.24
CA CYS C 137 0.07 0.87 -6.57
C CYS C 137 -0.90 0.20 -7.52
N LEU C 138 -1.03 0.78 -8.71
CA LEU C 138 -1.94 0.24 -9.72
C LEU C 138 -1.62 -1.18 -10.09
N PHE C 139 -0.41 -1.38 -10.59
CA PHE C 139 -0.02 -2.71 -11.01
C PHE C 139 0.15 -3.68 -9.85
N SER C 140 0.58 -3.18 -8.70
CA SER C 140 0.73 -4.06 -7.55
C SER C 140 -0.62 -4.65 -7.18
N PHE C 141 -1.66 -3.82 -7.15
CA PHE C 141 -2.97 -4.34 -6.80
C PHE C 141 -3.67 -5.09 -7.93
N ILE C 142 -3.22 -4.90 -9.16
CA ILE C 142 -3.81 -5.66 -10.26
C ILE C 142 -3.40 -7.10 -9.97
N CYS C 143 -2.21 -7.26 -9.41
CA CYS C 143 -1.68 -8.58 -9.05
C CYS C 143 -2.31 -9.11 -7.76
N SER C 144 -3.06 -8.27 -7.04
CA SER C 144 -3.66 -8.72 -5.78
C SER C 144 -4.98 -9.48 -5.86
N SER C 145 -5.74 -9.31 -6.93
CA SER C 145 -7.04 -9.96 -7.06
C SER C 145 -7.09 -11.48 -6.91
N ASN C 146 -8.02 -11.95 -6.07
CA ASN C 146 -8.19 -13.38 -5.87
C ASN C 146 -6.82 -13.99 -5.58
N ASN C 147 -6.13 -13.41 -4.60
CA ASN C 147 -4.79 -13.85 -4.27
C ASN C 147 -4.48 -13.58 -2.79
N ASN C 148 -3.35 -14.09 -2.32
CA ASN C 148 -2.95 -13.87 -0.94
C ASN C 148 -1.70 -12.99 -0.89
N ILE C 149 -1.61 -12.19 0.17
CA ILE C 149 -0.51 -11.27 0.37
C ILE C 149 0.90 -11.85 0.21
N ALA C 150 1.10 -13.08 0.69
CA ALA C 150 2.40 -13.74 0.58
C ALA C 150 2.76 -13.97 -0.90
N ARG C 151 1.81 -14.49 -1.67
CA ARG C 151 2.01 -14.76 -3.09
C ARG C 151 2.20 -13.45 -3.86
N ILE C 152 1.33 -12.49 -3.59
CA ILE C 152 1.39 -11.20 -4.27
C ILE C 152 2.77 -10.60 -4.07
N THR C 153 3.32 -10.72 -2.87
CA THR C 153 4.63 -10.15 -2.60
C THR C 153 5.74 -10.69 -3.52
N GLY C 154 5.70 -11.99 -3.80
CA GLY C 154 6.72 -12.60 -4.66
C GLY C 154 6.54 -12.14 -6.10
N MET C 155 5.29 -12.11 -6.54
CA MET C 155 4.94 -11.68 -7.89
C MET C 155 5.47 -10.27 -8.10
N VAL C 156 5.11 -9.36 -7.19
CA VAL C 156 5.58 -8.00 -7.29
C VAL C 156 7.10 -7.95 -7.34
N GLU C 157 7.76 -8.73 -6.49
CA GLU C 157 9.21 -8.75 -6.45
C GLU C 157 9.83 -9.16 -7.78
N ARG C 158 9.40 -10.31 -8.29
CA ARG C 158 9.92 -10.81 -9.56
C ARG C 158 9.63 -9.84 -10.70
N LEU C 159 8.48 -9.19 -10.62
CA LEU C 159 8.08 -8.22 -11.62
C LEU C 159 9.07 -7.04 -11.67
N CYS C 160 9.42 -6.52 -10.51
CA CYS C 160 10.35 -5.39 -10.40
C CYS C 160 11.75 -5.77 -10.81
N GLN C 161 12.12 -7.01 -10.46
CA GLN C 161 13.43 -7.55 -10.77
C GLN C 161 13.64 -7.73 -12.28
N ALA C 162 12.56 -8.09 -12.98
CA ALA C 162 12.64 -8.31 -14.43
C ALA C 162 12.48 -7.04 -15.26
N PHE C 163 11.67 -6.09 -14.81
CA PHE C 163 11.46 -4.88 -15.61
C PHE C 163 11.78 -3.56 -14.95
N GLY C 164 12.19 -3.60 -13.68
CA GLY C 164 12.50 -2.38 -12.96
C GLY C 164 13.97 -2.02 -12.91
N PRO C 165 14.30 -0.72 -12.82
CA PRO C 165 15.69 -0.25 -12.77
C PRO C 165 16.40 -0.87 -11.59
N ARG C 166 17.61 -1.35 -11.83
CA ARG C 166 18.42 -1.93 -10.77
C ARG C 166 18.97 -0.76 -9.95
N LEU C 167 18.78 -0.81 -8.64
CA LEU C 167 19.27 0.27 -7.79
C LEU C 167 20.60 -0.12 -7.16
N ILE C 168 20.58 -0.64 -5.93
CA ILE C 168 21.81 -1.06 -5.27
C ILE C 168 21.68 -2.47 -4.69
N GLN C 169 22.77 -3.02 -4.20
CA GLN C 169 22.77 -4.37 -3.64
C GLN C 169 23.25 -4.42 -2.20
N LEU C 170 22.45 -5.00 -1.31
CA LEU C 170 22.81 -5.14 0.10
C LEU C 170 22.83 -6.64 0.33
N ASP C 171 23.97 -7.17 0.79
CA ASP C 171 24.11 -8.62 0.97
C ASP C 171 23.82 -9.25 -0.38
N ASP C 172 22.90 -10.22 -0.42
CA ASP C 172 22.55 -10.88 -1.68
C ASP C 172 21.21 -10.36 -2.22
N VAL C 173 20.83 -9.17 -1.79
CA VAL C 173 19.58 -8.58 -2.23
C VAL C 173 19.85 -7.42 -3.16
N THR C 174 19.36 -7.52 -4.39
CA THR C 174 19.52 -6.43 -5.35
C THR C 174 18.16 -5.72 -5.42
N TYR C 175 18.13 -4.44 -5.10
CA TYR C 175 16.88 -3.71 -5.16
C TYR C 175 16.58 -3.14 -6.54
N HIS C 176 15.30 -3.07 -6.87
CA HIS C 176 14.88 -2.53 -8.16
C HIS C 176 13.81 -1.47 -7.96
N GLY C 177 13.78 -0.49 -8.84
CA GLY C 177 12.76 0.54 -8.75
C GLY C 177 11.55 -0.12 -9.38
N PHE C 178 10.37 0.46 -9.19
CA PHE C 178 9.18 -0.11 -9.79
C PHE C 178 9.22 0.13 -11.30
N PRO C 179 8.80 -0.86 -12.10
CA PRO C 179 8.80 -0.75 -13.58
C PRO C 179 8.03 0.43 -14.15
N SER C 180 8.54 0.98 -15.24
CA SER C 180 7.85 2.10 -15.88
C SER C 180 6.71 1.58 -16.73
N LEU C 181 5.84 2.49 -17.14
CA LEU C 181 4.69 2.16 -17.97
C LEU C 181 5.21 1.60 -19.31
N GLN C 182 6.18 2.29 -19.89
CA GLN C 182 6.76 1.85 -21.16
C GLN C 182 7.30 0.43 -21.01
N ALA C 183 8.00 0.16 -19.91
CA ALA C 183 8.53 -1.19 -19.73
C ALA C 183 7.42 -2.23 -19.68
N LEU C 184 6.39 -1.95 -18.90
CA LEU C 184 5.28 -2.89 -18.75
C LEU C 184 4.47 -3.03 -20.03
N ALA C 185 4.64 -2.10 -20.96
CA ALA C 185 3.91 -2.16 -22.23
C ALA C 185 4.73 -2.87 -23.30
N GLY C 186 6.02 -3.06 -23.03
CA GLY C 186 6.90 -3.72 -23.98
C GLY C 186 6.36 -5.01 -24.57
N PRO C 187 7.03 -5.54 -25.61
CA PRO C 187 6.63 -6.77 -26.27
C PRO C 187 6.96 -8.03 -25.49
N GLU C 188 6.04 -9.00 -25.53
CA GLU C 188 6.23 -10.26 -24.84
C GLU C 188 6.34 -10.09 -23.33
N VAL C 189 5.77 -9.01 -22.79
CA VAL C 189 5.84 -8.83 -21.35
C VAL C 189 4.92 -9.82 -20.64
N GLU C 190 3.71 -9.98 -21.16
CA GLU C 190 2.78 -10.91 -20.54
C GLU C 190 3.40 -12.29 -20.45
N ALA C 191 3.91 -12.77 -21.57
CA ALA C 191 4.52 -14.09 -21.62
C ALA C 191 5.62 -14.25 -20.58
N HIS C 192 6.42 -13.22 -20.40
CA HIS C 192 7.52 -13.27 -19.43
C HIS C 192 6.92 -13.31 -18.02
N LEU C 193 5.89 -12.51 -17.80
CA LEU C 193 5.23 -12.45 -16.51
C LEU C 193 4.63 -13.81 -16.16
N ARG C 194 4.09 -14.49 -17.16
CA ARG C 194 3.52 -15.81 -16.92
C ARG C 194 4.60 -16.77 -16.41
N LYS C 195 5.77 -16.75 -17.04
CA LYS C 195 6.85 -17.63 -16.59
C LYS C 195 7.27 -17.22 -15.19
N LEU C 196 6.92 -15.98 -14.82
CA LEU C 196 7.24 -15.46 -13.50
C LEU C 196 6.15 -15.80 -12.50
N GLY C 197 5.10 -16.46 -12.97
CA GLY C 197 4.02 -16.89 -12.10
C GLY C 197 2.88 -15.95 -11.74
N LEU C 198 2.55 -14.97 -12.57
CA LEU C 198 1.44 -14.07 -12.22
C LEU C 198 0.10 -14.64 -12.62
N GLY C 199 0.12 -15.81 -13.26
CA GLY C 199 -1.14 -16.41 -13.68
C GLY C 199 -1.81 -15.51 -14.69
N TYR C 200 -3.13 -15.53 -14.73
CA TYR C 200 -3.89 -14.72 -15.69
C TYR C 200 -3.76 -13.21 -15.51
N ARG C 201 -3.06 -12.77 -14.48
CA ARG C 201 -2.92 -11.34 -14.25
C ARG C 201 -1.78 -10.80 -15.09
N ALA C 202 -1.00 -11.70 -15.67
CA ALA C 202 0.12 -11.31 -16.51
C ALA C 202 -0.46 -10.46 -17.64
N ARG C 203 -1.54 -10.94 -18.25
CA ARG C 203 -2.20 -10.24 -19.34
C ARG C 203 -2.74 -8.89 -18.88
N TYR C 204 -3.30 -8.85 -17.68
CA TYR C 204 -3.86 -7.60 -17.14
C TYR C 204 -2.80 -6.51 -17.07
N VAL C 205 -1.66 -6.85 -16.48
CA VAL C 205 -0.60 -5.88 -16.35
C VAL C 205 -0.22 -5.33 -17.72
N SER C 206 0.01 -6.24 -18.66
CA SER C 206 0.39 -5.88 -20.01
C SER C 206 -0.69 -5.02 -20.66
N ALA C 207 -1.90 -5.55 -20.67
CA ALA C 207 -3.02 -4.87 -21.27
C ALA C 207 -3.23 -3.49 -20.66
N SER C 208 -3.24 -3.40 -19.34
CA SER C 208 -3.42 -2.11 -18.68
C SER C 208 -2.29 -1.13 -18.91
N ALA C 209 -1.09 -1.65 -19.09
CA ALA C 209 0.06 -0.78 -19.36
C ALA C 209 -0.17 -0.10 -20.71
N ARG C 210 -0.54 -0.89 -21.72
CA ARG C 210 -0.77 -0.40 -23.07
C ARG C 210 -2.01 0.47 -23.21
N ALA C 211 -3.07 0.11 -22.50
CA ALA C 211 -4.30 0.88 -22.56
C ALA C 211 -4.05 2.28 -22.03
N ILE C 212 -3.27 2.38 -20.97
CA ILE C 212 -2.99 3.68 -20.37
C ILE C 212 -2.13 4.53 -21.29
N LEU C 213 -1.16 3.89 -21.92
CA LEU C 213 -0.25 4.58 -22.79
C LEU C 213 -0.83 4.84 -24.18
N GLU C 214 -1.56 3.86 -24.73
CA GLU C 214 -2.11 3.97 -26.07
C GLU C 214 -3.63 4.21 -26.15
N GLU C 215 -4.22 4.80 -25.11
CA GLU C 215 -5.67 5.06 -25.12
C GLU C 215 -6.10 6.15 -24.14
N GLN C 216 -5.42 6.27 -23.02
CA GLN C 216 -5.79 7.25 -22.02
C GLN C 216 -4.91 8.49 -21.96
N GLY C 217 -3.89 8.55 -22.80
CA GLY C 217 -3.02 9.72 -22.78
C GLY C 217 -1.74 9.51 -22.00
N GLY C 218 -1.61 8.35 -21.36
CA GLY C 218 -0.41 8.06 -20.61
C GLY C 218 -0.44 8.42 -19.14
N LEU C 219 0.75 8.50 -18.56
CA LEU C 219 0.96 8.82 -17.16
C LEU C 219 0.18 10.04 -16.65
N ALA C 220 0.09 11.06 -17.48
CA ALA C 220 -0.62 12.28 -17.10
C ALA C 220 -2.06 11.97 -16.71
N TRP C 221 -2.64 10.97 -17.36
CA TRP C 221 -4.02 10.56 -17.09
C TRP C 221 -4.18 10.06 -15.66
N LEU C 222 -3.24 9.25 -15.20
CA LEU C 222 -3.28 8.71 -13.84
C LEU C 222 -3.02 9.80 -12.83
N GLN C 223 -1.85 10.41 -12.94
CA GLN C 223 -1.42 11.47 -12.04
C GLN C 223 -2.49 12.52 -11.82
N GLN C 224 -3.27 12.78 -12.87
CA GLN C 224 -4.32 13.78 -12.83
C GLN C 224 -5.52 13.40 -11.98
N LEU C 225 -5.73 12.11 -11.79
CA LEU C 225 -6.86 11.65 -10.99
C LEU C 225 -6.76 12.12 -9.55
N ARG C 226 -5.54 12.39 -9.09
CA ARG C 226 -5.34 12.86 -7.72
C ARG C 226 -6.12 14.14 -7.45
N GLU C 227 -6.37 14.93 -8.49
CA GLU C 227 -7.13 16.17 -8.35
C GLU C 227 -8.61 15.94 -8.61
N SER C 228 -8.92 14.83 -9.27
CA SER C 228 -10.30 14.48 -9.57
C SER C 228 -11.01 14.01 -8.30
N SER C 229 -12.28 13.62 -8.44
CA SER C 229 -13.08 13.19 -7.31
C SER C 229 -13.09 11.67 -7.18
N TYR C 230 -13.21 11.20 -5.94
CA TYR C 230 -13.27 9.78 -5.65
C TYR C 230 -14.11 9.06 -6.69
N GLU C 231 -15.34 9.55 -6.86
CA GLU C 231 -16.29 8.98 -7.81
C GLU C 231 -15.70 8.92 -9.22
N GLU C 232 -15.08 10.01 -9.65
CA GLU C 232 -14.47 10.09 -10.97
C GLU C 232 -13.31 9.10 -11.06
N ALA C 233 -12.34 9.27 -10.17
CA ALA C 233 -11.17 8.41 -10.13
C ALA C 233 -11.54 6.94 -10.17
N HIS C 234 -12.38 6.49 -9.23
CA HIS C 234 -12.78 5.08 -9.17
C HIS C 234 -13.41 4.64 -10.48
N LYS C 235 -14.22 5.51 -11.06
CA LYS C 235 -14.88 5.23 -12.32
C LYS C 235 -13.85 5.04 -13.44
N ALA C 236 -12.94 5.99 -13.55
CA ALA C 236 -11.91 5.94 -14.59
C ALA C 236 -11.01 4.69 -14.48
N LEU C 237 -10.68 4.27 -13.27
CA LEU C 237 -9.82 3.10 -13.07
C LEU C 237 -10.43 1.79 -13.56
N CYS C 238 -11.72 1.62 -13.34
CA CYS C 238 -12.39 0.39 -13.77
C CYS C 238 -12.32 0.18 -15.27
N ILE C 239 -11.91 1.22 -15.98
CA ILE C 239 -11.74 1.16 -17.44
C ILE C 239 -10.69 0.06 -17.69
N LEU C 240 -9.54 0.24 -17.04
CA LEU C 240 -8.39 -0.67 -17.13
C LEU C 240 -8.69 -2.12 -16.81
N PRO C 241 -8.06 -3.03 -17.55
CA PRO C 241 -8.19 -4.49 -17.42
C PRO C 241 -7.60 -5.00 -16.11
N GLY C 242 -8.37 -5.81 -15.39
CA GLY C 242 -7.90 -6.34 -14.13
C GLY C 242 -8.23 -5.42 -12.97
N VAL C 243 -8.72 -4.23 -13.27
CA VAL C 243 -9.08 -3.28 -12.23
C VAL C 243 -10.59 -3.24 -12.03
N GLY C 244 -11.05 -3.80 -10.91
CA GLY C 244 -12.46 -3.81 -10.58
C GLY C 244 -12.70 -2.92 -9.37
N THR C 245 -13.86 -3.07 -8.74
CA THR C 245 -14.23 -2.27 -7.57
C THR C 245 -13.15 -2.22 -6.46
N LYS C 246 -12.63 -3.38 -6.08
CA LYS C 246 -11.63 -3.43 -5.02
C LYS C 246 -10.31 -2.74 -5.37
N VAL C 247 -9.71 -3.18 -6.47
CA VAL C 247 -8.44 -2.64 -6.93
C VAL C 247 -8.54 -1.15 -7.15
N ALA C 248 -9.68 -0.71 -7.69
CA ALA C 248 -9.88 0.71 -7.94
C ALA C 248 -9.87 1.42 -6.60
N ASP C 249 -10.64 0.88 -5.65
CA ASP C 249 -10.70 1.45 -4.31
C ASP C 249 -9.33 1.49 -3.63
N CYS C 250 -8.55 0.42 -3.78
CA CYS C 250 -7.22 0.39 -3.17
C CYS C 250 -6.38 1.53 -3.76
N ILE C 251 -6.42 1.67 -5.07
CA ILE C 251 -5.65 2.72 -5.73
C ILE C 251 -6.07 4.11 -5.27
N CYS C 252 -7.38 4.37 -5.29
CA CYS C 252 -7.87 5.69 -4.85
C CYS C 252 -7.38 5.98 -3.44
N LEU C 253 -7.59 5.01 -2.56
CA LEU C 253 -7.23 5.15 -1.14
C LEU C 253 -5.74 5.26 -0.83
N MET C 254 -4.96 4.38 -1.46
CA MET C 254 -3.53 4.31 -1.21
C MET C 254 -2.60 5.17 -2.05
N ALA C 255 -3.04 5.60 -3.22
CA ALA C 255 -2.20 6.40 -4.09
C ALA C 255 -2.79 7.70 -4.64
N LEU C 256 -4.12 7.84 -4.58
CA LEU C 256 -4.78 9.03 -5.13
C LEU C 256 -5.37 10.01 -4.11
N ASP C 257 -5.08 9.78 -2.83
CA ASP C 257 -5.56 10.65 -1.75
C ASP C 257 -7.08 10.64 -1.59
N LYS C 258 -7.69 9.46 -1.68
CA LYS C 258 -9.15 9.34 -1.51
C LYS C 258 -9.34 8.55 -0.21
N PRO C 259 -9.20 9.22 0.94
CA PRO C 259 -9.35 8.59 2.26
C PRO C 259 -10.70 7.97 2.59
N GLN C 260 -11.72 8.24 1.77
CA GLN C 260 -13.06 7.68 1.99
C GLN C 260 -13.25 6.38 1.23
N ALA C 261 -12.31 6.08 0.32
CA ALA C 261 -12.39 4.87 -0.45
C ALA C 261 -12.21 3.67 0.48
N VAL C 262 -13.13 2.74 0.42
CA VAL C 262 -13.08 1.55 1.26
C VAL C 262 -13.03 0.28 0.42
N PRO C 263 -11.84 -0.31 0.27
CA PRO C 263 -11.76 -1.54 -0.52
C PRO C 263 -12.58 -2.66 0.10
N VAL C 264 -13.32 -3.42 -0.72
CA VAL C 264 -14.13 -4.52 -0.21
C VAL C 264 -13.61 -5.86 -0.72
N ASP C 265 -13.13 -6.66 0.22
CA ASP C 265 -12.58 -7.98 -0.09
C ASP C 265 -13.21 -9.00 0.84
N VAL C 266 -12.59 -10.17 0.88
CA VAL C 266 -13.07 -11.24 1.73
C VAL C 266 -12.95 -10.84 3.20
N HIS C 267 -11.85 -10.18 3.56
CA HIS C 267 -11.66 -9.77 4.94
C HIS C 267 -12.74 -8.79 5.41
N MET C 268 -13.02 -7.76 4.62
CA MET C 268 -14.03 -6.81 5.04
C MET C 268 -15.44 -7.41 5.14
N TRP C 269 -15.71 -8.46 4.38
CA TRP C 269 -17.01 -9.11 4.47
C TRP C 269 -17.11 -9.87 5.78
N HIS C 270 -16.03 -10.54 6.16
CA HIS C 270 -16.01 -11.32 7.39
C HIS C 270 -16.20 -10.37 8.56
N ILE C 271 -15.40 -9.31 8.58
CA ILE C 271 -15.50 -8.31 9.62
C ILE C 271 -16.90 -7.72 9.74
N ALA C 272 -17.51 -7.41 8.60
CA ALA C 272 -18.84 -6.84 8.57
C ALA C 272 -19.85 -7.80 9.24
N GLN C 273 -19.86 -9.03 8.77
CA GLN C 273 -20.78 -10.04 9.29
C GLN C 273 -20.52 -10.42 10.75
N ARG C 274 -19.26 -10.68 11.08
CA ARG C 274 -18.87 -11.09 12.42
C ARG C 274 -18.86 -10.00 13.50
N ASP C 275 -18.46 -8.79 13.15
CA ASP C 275 -18.36 -7.73 14.13
C ASP C 275 -19.45 -6.66 14.08
N TYR C 276 -20.29 -6.68 13.05
CA TYR C 276 -21.35 -5.70 12.96
C TYR C 276 -22.68 -6.34 12.66
N SER C 277 -22.66 -7.65 12.39
CA SER C 277 -23.86 -8.40 12.07
C SER C 277 -24.51 -7.74 10.85
N TRP C 278 -23.68 -7.34 9.90
CA TRP C 278 -24.16 -6.68 8.68
C TRP C 278 -24.81 -7.62 7.68
N HIS C 279 -25.71 -7.07 6.88
CA HIS C 279 -26.42 -7.81 5.85
C HIS C 279 -26.82 -6.79 4.81
N PRO C 280 -26.75 -7.15 3.53
CA PRO C 280 -27.14 -6.19 2.50
C PRO C 280 -28.62 -5.88 2.66
N THR C 281 -28.99 -4.61 2.53
CA THR C 281 -30.39 -4.22 2.66
C THR C 281 -30.97 -3.84 1.30
N THR C 282 -30.41 -2.80 0.69
CA THR C 282 -30.86 -2.31 -0.60
C THR C 282 -30.54 -3.30 -1.72
N SER C 283 -29.93 -4.42 -1.36
CA SER C 283 -29.58 -5.44 -2.34
C SER C 283 -30.28 -6.75 -1.98
N GLN C 284 -30.86 -7.37 -2.99
CA GLN C 284 -31.56 -8.65 -2.83
C GLN C 284 -30.58 -9.81 -2.64
N ALA C 285 -29.41 -9.73 -3.26
CA ALA C 285 -28.40 -10.78 -3.11
C ALA C 285 -27.86 -10.63 -1.70
N LYS C 286 -27.57 -11.75 -1.03
CA LYS C 286 -27.06 -11.68 0.33
C LYS C 286 -25.61 -12.14 0.49
N GLY C 287 -24.89 -12.15 -0.63
CA GLY C 287 -23.50 -12.54 -0.63
C GLY C 287 -22.71 -11.55 -1.47
N PRO C 288 -21.39 -11.72 -1.61
CA PRO C 288 -20.59 -10.80 -2.42
C PRO C 288 -21.13 -10.67 -3.85
N SER C 289 -21.15 -9.44 -4.35
CA SER C 289 -21.63 -9.17 -5.70
C SER C 289 -21.42 -7.69 -5.94
N PRO C 290 -21.30 -7.27 -7.20
CA PRO C 290 -21.08 -5.85 -7.45
C PRO C 290 -22.01 -4.93 -6.65
N GLN C 291 -23.25 -5.36 -6.49
CA GLN C 291 -24.22 -4.56 -5.74
C GLN C 291 -23.96 -4.59 -4.24
N THR C 292 -23.86 -5.79 -3.66
CA THR C 292 -23.64 -5.90 -2.22
C THR C 292 -22.32 -5.28 -1.80
N ASN C 293 -21.27 -5.47 -2.61
CA ASN C 293 -19.97 -4.90 -2.30
C ASN C 293 -20.06 -3.39 -2.26
N LYS C 294 -20.76 -2.82 -3.22
CA LYS C 294 -20.90 -1.38 -3.26
C LYS C 294 -21.60 -0.89 -1.99
N GLU C 295 -22.65 -1.60 -1.59
CA GLU C 295 -23.39 -1.21 -0.41
C GLU C 295 -22.54 -1.30 0.85
N LEU C 296 -21.74 -2.35 0.97
CA LEU C 296 -20.88 -2.53 2.13
C LEU C 296 -19.96 -1.33 2.24
N GLY C 297 -19.38 -0.95 1.11
CA GLY C 297 -18.49 0.20 1.07
C GLY C 297 -19.17 1.43 1.63
N ASN C 298 -20.41 1.65 1.20
CA ASN C 298 -21.16 2.81 1.70
C ASN C 298 -21.45 2.70 3.20
N PHE C 299 -21.72 1.49 3.66
CA PHE C 299 -22.00 1.26 5.06
C PHE C 299 -20.81 1.65 5.92
N PHE C 300 -19.61 1.25 5.51
CA PHE C 300 -18.43 1.61 6.29
C PHE C 300 -18.17 3.10 6.23
N ARG C 301 -18.45 3.71 5.09
CA ARG C 301 -18.26 5.17 5.00
C ARG C 301 -19.23 5.86 5.94
N SER C 302 -20.48 5.43 5.88
CA SER C 302 -21.49 6.02 6.74
C SER C 302 -21.12 5.79 8.19
N LEU C 303 -20.44 4.68 8.44
CA LEU C 303 -20.03 4.36 9.80
C LEU C 303 -18.83 5.15 10.30
N TRP C 304 -17.78 5.26 9.48
CA TRP C 304 -16.57 5.96 9.92
C TRP C 304 -16.35 7.40 9.45
N GLY C 305 -17.01 7.81 8.38
CA GLY C 305 -16.82 9.17 7.94
C GLY C 305 -15.87 9.37 6.78
N PRO C 306 -15.31 10.57 6.64
CA PRO C 306 -14.38 10.97 5.58
C PRO C 306 -13.10 10.12 5.43
N TYR C 307 -12.63 9.54 6.53
CA TYR C 307 -11.42 8.72 6.49
C TYR C 307 -11.72 7.25 6.69
N ALA C 308 -12.87 6.83 6.20
CA ALA C 308 -13.31 5.44 6.32
C ALA C 308 -12.26 4.48 5.80
N GLY C 309 -11.57 4.87 4.73
CA GLY C 309 -10.53 4.01 4.15
C GLY C 309 -9.40 3.74 5.13
N TRP C 310 -9.06 4.74 5.94
CA TRP C 310 -8.01 4.57 6.92
C TRP C 310 -8.48 3.67 8.07
N ALA C 311 -9.72 3.87 8.52
CA ALA C 311 -10.27 3.06 9.62
C ALA C 311 -10.28 1.62 9.16
N GLN C 312 -10.72 1.43 7.93
CA GLN C 312 -10.76 0.11 7.33
C GLN C 312 -9.39 -0.57 7.40
N ALA C 313 -8.32 0.20 7.22
CA ALA C 313 -6.99 -0.37 7.25
C ALA C 313 -6.66 -0.94 8.63
N VAL C 314 -7.16 -0.28 9.68
CA VAL C 314 -6.88 -0.75 11.02
C VAL C 314 -7.46 -2.13 11.23
N LEU C 315 -8.76 -2.29 10.98
CA LEU C 315 -9.40 -3.57 11.15
C LEU C 315 -8.87 -4.64 10.22
N PHE C 316 -8.62 -4.27 8.97
CA PHE C 316 -8.12 -5.20 7.97
C PHE C 316 -6.79 -5.76 8.43
N SER C 317 -5.91 -4.85 8.85
CA SER C 317 -4.59 -5.25 9.32
C SER C 317 -4.73 -6.17 10.54
N ALA C 318 -5.62 -5.82 11.48
CA ALA C 318 -5.82 -6.65 12.67
C ALA C 318 -6.43 -8.00 12.31
N ASP C 319 -7.28 -7.99 11.28
CA ASP C 319 -7.92 -9.22 10.86
C ASP C 319 -6.95 -10.17 10.17
N LEU C 320 -5.77 -9.67 9.81
CA LEU C 320 -4.76 -10.53 9.19
C LEU C 320 -4.13 -11.37 10.30
N ARG C 321 -3.97 -10.75 11.47
CA ARG C 321 -3.38 -11.39 12.63
C ARG C 321 -4.25 -12.46 13.24
N GLN C 322 -4.69 -13.41 12.41
CA GLN C 322 -5.52 -14.50 12.91
C GLN C 322 -4.78 -15.80 12.58
CA CA D . -12.48 -15.29 -2.53
N9 ANG E . -6.12 -6.12 -0.03
C4 ANG E . -6.90 -5.30 0.74
N3 ANG E . -8.23 -5.38 0.89
C2 ANG E . -8.71 -4.46 1.72
N2 ANG E . -10.02 -4.39 1.99
N1 ANG E . -7.91 -3.53 2.35
C6 ANG E . -6.53 -3.43 2.22
O6 ANG E . -5.92 -2.56 2.84
C5 ANG E . -6.02 -4.41 1.34
N7 ANG E . -4.72 -4.66 0.94
C8 ANG E . -4.82 -5.68 0.13
N8 ANG E . -3.77 -6.26 -0.47
#